data_8W7G
#
_entry.id   8W7G
#
_cell.length_a   75.780
_cell.length_b   75.780
_cell.length_c   141.970
_cell.angle_alpha   90.00
_cell.angle_beta   90.00
_cell.angle_gamma   90.00
#
_symmetry.space_group_name_H-M   'P 43 21 2'
#
loop_
_entity.id
_entity.type
_entity.pdbx_description
1 polymer 'Pentalenolactone synthase'
2 non-polymer 'PROTOPORPHYRIN IX CONTAINING FE'
3 water water
#
_entity_poly.entity_id   1
_entity_poly.type   'polypeptide(L)'
_entity_poly.pdbx_seq_one_letter_code
;HHHHHHMTTTEETPRLPFARANALAIAPDYEVLRSRAPISRVLTPAGDPAWLVTSYEEAKEVFRDKRFGRSHPAPEQASR
ISNAAIQDGPSGDFETEEAEHKRMRRMLAPAFSAPRMRALGDRIAELTDRCLDDLQAAHDANPGAPVDLTDFLAFPLPVL
VICELLGVPYADREHFRGLSERIARMDGGEDAQAAMAEFKAYMLKLAEAKRADPQPDVISDLVAVQADDPTFTDDDLSRM
ATGLLFAGHETTSTRIAMGTLFLLSDTARRDRFAADPDGEVNQTVEEILRLTATSGTGLLRYAHEDVEIAGTRIRRGDAV
LVSSDAANRDASVFADPDEFDPGRTPNVHLAFGTGAHVCIGANLARTELRTVFPKLFRRFPGLRLAAGIEDVPVRVNRVA
GGVDAVPVTWHHHHHH
;
_entity_poly.pdbx_strand_id   A
#
loop_
_chem_comp.id
_chem_comp.type
_chem_comp.name
_chem_comp.formula
HEM non-polymer 'PROTOPORPHYRIN IX CONTAINING FE' 'C34 H32 Fe N4 O4'
#
# COMPACT_ATOMS: atom_id res chain seq x y z
N THR A 13 3.21 26.79 10.75
CA THR A 13 3.74 25.57 10.10
C THR A 13 2.62 24.58 9.81
N PRO A 14 2.50 24.11 8.57
CA PRO A 14 1.45 23.15 8.25
C PRO A 14 1.60 21.90 9.10
N ARG A 15 0.48 21.32 9.50
CA ARG A 15 0.46 20.17 10.37
C ARG A 15 -0.27 19.03 9.64
N LEU A 16 0.42 17.94 9.44
CA LEU A 16 -0.18 16.74 8.86
C LEU A 16 -1.07 16.03 9.88
N PRO A 17 -2.09 15.30 9.44
CA PRO A 17 -2.52 15.06 8.06
C PRO A 17 -3.35 16.20 7.54
N PHE A 18 -3.37 16.37 6.23
CA PHE A 18 -4.15 17.40 5.58
C PHE A 18 -5.58 16.94 5.34
N ALA A 19 -6.50 17.90 5.38
CA ALA A 19 -7.93 17.64 5.26
C ALA A 19 -8.43 17.76 3.83
N ARG A 20 -9.53 17.06 3.55
CA ARG A 20 -10.15 17.19 2.24
C ARG A 20 -11.66 17.01 2.36
N ALA A 21 -12.38 17.41 1.30
CA ALA A 21 -13.83 17.49 1.33
C ALA A 21 -14.52 16.23 0.83
N ASN A 22 -13.87 15.42 -0.01
CA ASN A 22 -14.50 14.19 -0.47
C ASN A 22 -13.45 13.14 -0.78
N ALA A 23 -13.93 11.90 -0.87
CA ALA A 23 -13.05 10.73 -0.83
C ALA A 23 -12.09 10.70 -2.01
N LEU A 24 -12.58 11.08 -3.19
CA LEU A 24 -11.78 10.96 -4.41
C LEU A 24 -10.78 12.10 -4.54
N ALA A 25 -11.05 13.25 -3.92
CA ALA A 25 -10.17 14.41 -4.05
C ALA A 25 -8.88 14.20 -3.27
N ILE A 26 -7.88 15.01 -3.60
CA ILE A 26 -6.70 15.13 -2.74
C ILE A 26 -6.85 16.36 -1.87
N ALA A 27 -6.24 16.33 -0.70
CA ALA A 27 -6.25 17.50 0.17
C ALA A 27 -5.68 18.71 -0.57
N PRO A 28 -6.35 19.87 -0.50
CA PRO A 28 -5.88 21.04 -1.26
C PRO A 28 -4.59 21.62 -0.75
N ASP A 29 -4.20 21.31 0.49
CA ASP A 29 -2.97 21.89 1.04
C ASP A 29 -1.75 21.55 0.17
N TYR A 30 -1.70 20.34 -0.40
CA TYR A 30 -0.50 19.93 -1.12
C TYR A 30 -0.19 20.87 -2.29
N GLU A 31 -1.22 21.25 -3.05
CA GLU A 31 -0.99 22.12 -4.20
C GLU A 31 -0.61 23.52 -3.73
N VAL A 32 -1.14 23.96 -2.59
CA VAL A 32 -0.74 25.24 -2.01
C VAL A 32 0.75 25.22 -1.69
N LEU A 33 1.21 24.17 -1.02
CA LEU A 33 2.63 24.06 -0.72
C LEU A 33 3.46 23.91 -2.00
N ARG A 34 3.02 23.04 -2.93
CA ARG A 34 3.80 22.81 -4.14
C ARG A 34 4.02 24.10 -4.92
N SER A 35 3.02 24.97 -4.94
CA SER A 35 3.14 26.22 -5.69
C SER A 35 4.20 27.15 -5.11
N ARG A 36 4.53 27.01 -3.84
CA ARG A 36 5.55 27.85 -3.22
C ARG A 36 6.94 27.22 -3.20
N ALA A 37 7.02 25.89 -3.04
CA ALA A 37 8.29 25.20 -3.05
C ALA A 37 8.02 23.73 -3.27
N PRO A 38 8.91 23.00 -3.93
CA PRO A 38 8.72 21.54 -4.03
C PRO A 38 8.92 20.84 -2.71
N ILE A 39 9.61 21.47 -1.75
CA ILE A 39 9.97 20.85 -0.49
C ILE A 39 9.71 21.88 0.62
N SER A 40 8.82 21.53 1.56
CA SER A 40 8.35 22.48 2.57
C SER A 40 8.44 21.86 3.95
N ARG A 41 8.65 22.72 4.96
CA ARG A 41 8.66 22.26 6.35
C ARG A 41 7.25 22.03 6.86
N VAL A 42 7.01 20.88 7.48
CA VAL A 42 5.71 20.55 8.10
C VAL A 42 5.96 19.88 9.45
N LEU A 43 4.89 19.79 10.24
CA LEU A 43 4.89 19.02 11.48
C LEU A 43 4.20 17.68 11.20
N THR A 44 4.74 16.62 11.79
CA THR A 44 4.18 15.28 11.63
C THR A 44 3.08 15.03 12.65
N PRO A 45 2.33 13.93 12.51
CA PRO A 45 1.38 13.54 13.58
C PRO A 45 2.04 13.40 14.95
N ALA A 46 3.31 12.98 14.99
CA ALA A 46 4.07 12.92 16.24
C ALA A 46 4.55 14.28 16.73
N GLY A 47 4.34 15.35 15.97
CA GLY A 47 4.62 16.68 16.45
C GLY A 47 5.97 17.23 16.07
N ASP A 48 6.72 16.51 15.25
CA ASP A 48 8.11 16.84 14.96
C ASP A 48 8.24 17.41 13.55
N PRO A 49 9.31 18.16 13.26
CA PRO A 49 9.44 18.77 11.93
C PRO A 49 9.97 17.76 10.91
N ALA A 50 9.44 17.87 9.70
CA ALA A 50 9.92 17.08 8.57
C ALA A 50 9.80 17.92 7.29
N TRP A 51 10.56 17.53 6.27
CA TRP A 51 10.40 18.12 4.94
C TRP A 51 9.35 17.33 4.20
N LEU A 52 8.38 18.01 3.58
CA LEU A 52 7.39 17.33 2.74
C LEU A 52 7.68 17.64 1.28
N VAL A 53 7.84 16.61 0.46
CA VAL A 53 8.14 16.77 -0.97
C VAL A 53 6.85 16.57 -1.74
N THR A 54 6.45 17.58 -2.55
CA THR A 54 5.14 17.51 -3.20
C THR A 54 5.23 17.58 -4.72
N SER A 55 6.41 17.77 -5.28
CA SER A 55 6.54 17.85 -6.73
C SER A 55 7.02 16.51 -7.29
N TYR A 56 6.72 16.28 -8.57
CA TYR A 56 7.05 15.00 -9.18
C TYR A 56 8.55 14.83 -9.36
N GLU A 57 9.21 15.85 -9.92
CA GLU A 57 10.63 15.73 -10.18
C GLU A 57 11.43 15.55 -8.89
N GLU A 58 11.11 16.34 -7.85
CA GLU A 58 11.87 16.20 -6.61
C GLU A 58 11.54 14.89 -5.90
N ALA A 59 10.28 14.44 -5.95
CA ALA A 59 9.95 13.15 -5.35
C ALA A 59 10.73 12.03 -6.04
N LYS A 60 10.70 12.01 -7.38
CA LYS A 60 11.50 11.07 -8.16
C LYS A 60 12.96 11.12 -7.76
N GLU A 61 13.50 12.33 -7.61
CA GLU A 61 14.91 12.47 -7.25
C GLU A 61 15.21 11.86 -5.88
N VAL A 62 14.39 12.16 -4.87
CA VAL A 62 14.66 11.62 -3.53
C VAL A 62 14.55 10.09 -3.54
N PHE A 63 13.55 9.56 -4.24
CA PHE A 63 13.40 8.10 -4.31
C PHE A 63 14.66 7.43 -4.85
N ARG A 64 15.34 8.09 -5.77
CA ARG A 64 16.49 7.54 -6.49
C ARG A 64 17.82 7.92 -5.88
N ASP A 65 17.83 8.80 -4.89
CA ASP A 65 19.06 9.34 -4.33
C ASP A 65 19.45 8.54 -3.10
N LYS A 66 20.61 7.87 -3.18
CA LYS A 66 21.13 7.00 -2.13
C LYS A 66 21.52 7.77 -0.87
N ARG A 67 21.61 9.10 -0.93
CA ARG A 67 21.93 9.84 0.28
C ARG A 67 20.76 9.90 1.25
N PHE A 68 19.59 9.45 0.84
CA PHE A 68 18.42 9.35 1.71
C PHE A 68 18.12 7.89 1.96
N GLY A 69 18.01 7.52 3.23
CA GLY A 69 17.74 6.13 3.57
C GLY A 69 16.63 6.05 4.59
N ARG A 70 16.33 4.82 5.00
CA ARG A 70 15.37 4.61 6.07
C ARG A 70 16.00 4.73 7.45
N SER A 71 17.31 4.51 7.54
CA SER A 71 18.00 4.60 8.81
C SER A 71 18.37 6.03 9.12
N HIS A 72 18.69 6.27 10.39
CA HIS A 72 19.19 7.54 10.88
C HIS A 72 20.50 7.28 11.61
N PRO A 73 21.53 8.11 11.39
CA PRO A 73 22.82 7.87 12.05
C PRO A 73 22.75 7.91 13.58
N ALA A 74 21.89 8.74 14.14
CA ALA A 74 21.74 8.84 15.59
C ALA A 74 20.24 8.88 15.89
N PRO A 75 19.58 7.72 15.88
CA PRO A 75 18.10 7.70 15.84
C PRO A 75 17.44 8.41 17.00
N GLU A 76 18.12 8.49 18.16
CA GLU A 76 17.55 9.17 19.31
C GLU A 76 17.34 10.66 19.06
N GLN A 77 18.03 11.22 18.07
CA GLN A 77 17.97 12.65 17.75
C GLN A 77 16.97 12.95 16.64
N ALA A 78 16.32 11.94 16.10
CA ALA A 78 15.55 12.04 14.87
C ALA A 78 14.11 12.50 15.13
N SER A 79 13.55 13.18 14.14
CA SER A 79 12.11 13.47 14.16
C SER A 79 11.33 12.17 14.00
N ARG A 80 10.29 11.99 14.83
CA ARG A 80 9.35 10.91 14.66
C ARG A 80 8.24 11.36 13.72
N ILE A 81 7.66 10.41 13.00
CA ILE A 81 6.53 10.68 12.11
C ILE A 81 5.22 10.33 12.80
N SER A 82 5.15 9.13 13.38
CA SER A 82 3.91 8.70 13.97
C SER A 82 4.22 7.56 14.94
N ASN A 83 3.18 6.80 15.29
CA ASN A 83 3.41 5.53 15.97
C ASN A 83 2.93 4.35 15.14
N ALA A 84 2.87 4.50 13.81
CA ALA A 84 2.47 3.41 12.92
C ALA A 84 3.50 2.28 12.91
N ALA A 85 3.06 1.13 12.39
CA ALA A 85 3.95 -0.02 12.31
C ALA A 85 5.12 0.23 11.37
N ILE A 86 4.85 0.85 10.21
CA ILE A 86 5.86 1.13 9.18
C ILE A 86 5.82 2.61 8.83
N GLN A 87 6.90 3.09 8.20
CA GLN A 87 6.96 4.46 7.69
C GLN A 87 6.78 5.48 8.83
N ASP A 88 7.21 5.11 10.04
CA ASP A 88 6.90 5.86 11.26
C ASP A 88 8.07 6.60 11.87
N GLY A 89 9.30 6.17 11.58
CA GLY A 89 10.49 6.70 12.22
C GLY A 89 11.71 5.98 11.69
N PRO A 90 12.87 6.20 12.31
CA PRO A 90 14.09 5.53 11.83
C PRO A 90 13.91 4.02 11.87
N SER A 91 14.54 3.36 10.89
CA SER A 91 14.42 1.92 10.68
C SER A 91 15.78 1.36 10.28
N GLY A 92 16.27 0.38 11.03
CA GLY A 92 17.45 -0.35 10.63
C GLY A 92 18.74 0.33 11.06
N ASP A 93 19.83 -0.45 11.01
CA ASP A 93 21.14 0.07 11.41
C ASP A 93 21.76 0.92 10.31
N PHE A 94 22.23 2.11 10.69
CA PHE A 94 22.69 3.08 9.72
C PHE A 94 23.88 2.56 8.94
N GLU A 95 24.82 1.91 9.62
CA GLU A 95 26.05 1.46 8.99
C GLU A 95 25.81 0.34 7.98
N THR A 96 24.71 -0.40 8.12
CA THR A 96 24.47 -1.62 7.35
C THR A 96 23.21 -1.57 6.49
N GLU A 97 22.58 -0.41 6.35
CA GLU A 97 21.24 -0.38 5.76
C GLU A 97 21.24 -0.89 4.32
N GLU A 98 22.15 -0.39 3.47
CA GLU A 98 22.12 -0.82 2.07
C GLU A 98 22.34 -2.32 1.95
N ALA A 99 23.27 -2.88 2.72
CA ALA A 99 23.50 -4.32 2.67
C ALA A 99 22.26 -5.09 3.11
N GLU A 100 21.64 -4.67 4.22
CA GLU A 100 20.44 -5.34 4.70
C GLU A 100 19.30 -5.23 3.71
N HIS A 101 19.17 -4.06 3.07
CA HIS A 101 18.11 -3.87 2.10
C HIS A 101 18.31 -4.78 0.89
N LYS A 102 19.55 -4.86 0.41
CA LYS A 102 19.83 -5.77 -0.70
C LYS A 102 19.49 -7.19 -0.32
N ARG A 103 19.78 -7.57 0.92
CA ARG A 103 19.52 -8.93 1.37
C ARG A 103 18.03 -9.21 1.44
N MET A 104 17.25 -8.21 1.87
CA MET A 104 15.79 -8.35 1.90
C MET A 104 15.22 -8.51 0.51
N ARG A 105 15.62 -7.65 -0.43
CA ARG A 105 15.08 -7.78 -1.78
C ARG A 105 15.42 -9.13 -2.38
N ARG A 106 16.63 -9.63 -2.10
CA ARG A 106 17.03 -10.94 -2.62
C ARG A 106 16.20 -12.07 -2.02
N MET A 107 15.96 -12.03 -0.70
CA MET A 107 15.26 -13.14 -0.06
C MET A 107 13.81 -13.22 -0.54
N LEU A 108 13.22 -12.10 -0.93
CA LEU A 108 11.83 -12.07 -1.39
C LEU A 108 11.69 -12.20 -2.89
N ALA A 109 12.81 -12.28 -3.63
CA ALA A 109 12.72 -12.42 -5.08
C ALA A 109 11.98 -13.69 -5.50
N PRO A 110 12.20 -14.87 -4.90
CA PRO A 110 11.41 -16.03 -5.34
C PRO A 110 9.92 -15.81 -5.17
N ALA A 111 9.51 -15.17 -4.07
CA ALA A 111 8.09 -15.03 -3.79
C ALA A 111 7.35 -14.23 -4.85
N PHE A 112 8.02 -13.27 -5.47
CA PHE A 112 7.42 -12.43 -6.48
C PHE A 112 7.87 -12.80 -7.89
N SER A 113 8.49 -13.97 -8.05
CA SER A 113 8.96 -14.41 -9.37
C SER A 113 7.79 -14.84 -10.25
N ALA A 114 8.03 -14.91 -11.56
CA ALA A 114 6.93 -15.17 -12.49
C ALA A 114 6.20 -16.48 -12.22
N PRO A 115 6.87 -17.62 -11.96
CA PRO A 115 6.09 -18.83 -11.67
C PRO A 115 5.19 -18.66 -10.46
N ARG A 116 5.68 -18.00 -9.41
CA ARG A 116 4.85 -17.80 -8.23
C ARG A 116 3.69 -16.86 -8.53
N MET A 117 3.93 -15.81 -9.32
CA MET A 117 2.85 -14.91 -9.67
C MET A 117 1.85 -15.54 -10.60
N ARG A 118 2.28 -16.47 -11.44
CA ARG A 118 1.30 -17.18 -12.28
C ARG A 118 0.31 -17.94 -11.41
N ALA A 119 0.82 -18.64 -10.41
CA ALA A 119 -0.03 -19.39 -9.50
C ALA A 119 -0.92 -18.46 -8.69
N LEU A 120 -0.34 -17.37 -8.18
CA LEU A 120 -1.12 -16.45 -7.36
C LEU A 120 -2.21 -15.77 -8.19
N GLY A 121 -1.92 -15.48 -9.47
CA GLY A 121 -2.93 -14.89 -10.35
C GLY A 121 -4.16 -15.76 -10.50
N ASP A 122 -3.96 -17.07 -10.62
CA ASP A 122 -5.11 -17.98 -10.64
C ASP A 122 -5.88 -17.96 -9.32
N ARG A 123 -5.17 -17.93 -8.19
CA ARG A 123 -5.89 -17.85 -6.92
C ARG A 123 -6.61 -16.51 -6.77
N ILE A 124 -6.01 -15.42 -7.24
CA ILE A 124 -6.69 -14.11 -7.19
C ILE A 124 -8.00 -14.17 -7.96
N ALA A 125 -8.00 -14.82 -9.14
CA ALA A 125 -9.21 -14.92 -9.92
C ALA A 125 -10.32 -15.64 -9.15
N GLU A 126 -9.95 -16.76 -8.52
CA GLU A 126 -10.89 -17.57 -7.75
C GLU A 126 -11.40 -16.80 -6.53
N LEU A 127 -10.49 -16.14 -5.81
CA LEU A 127 -10.90 -15.35 -4.66
C LEU A 127 -11.83 -14.21 -5.07
N THR A 128 -11.54 -13.55 -6.20
CA THR A 128 -12.42 -12.50 -6.68
C THR A 128 -13.82 -13.03 -6.97
N ASP A 129 -13.89 -14.18 -7.64
CA ASP A 129 -15.18 -14.81 -7.92
C ASP A 129 -15.96 -15.07 -6.65
N ARG A 130 -15.26 -15.54 -5.61
CA ARG A 130 -15.94 -15.87 -4.36
C ARG A 130 -16.38 -14.60 -3.63
N CYS A 131 -15.58 -13.54 -3.68
CA CYS A 131 -16.03 -12.27 -3.11
C CYS A 131 -17.25 -11.72 -3.85
N LEU A 132 -17.27 -11.82 -5.18
CA LEU A 132 -18.43 -11.32 -5.91
C LEU A 132 -19.66 -12.18 -5.61
N ASP A 133 -19.47 -13.48 -5.36
CA ASP A 133 -20.55 -14.31 -4.86
C ASP A 133 -21.12 -13.78 -3.55
N ASP A 134 -20.25 -13.37 -2.62
CA ASP A 134 -20.72 -12.86 -1.34
C ASP A 134 -21.47 -11.55 -1.53
N LEU A 135 -20.98 -10.70 -2.43
CA LEU A 135 -21.66 -9.43 -2.71
C LEU A 135 -23.05 -9.69 -3.28
N GLN A 136 -23.17 -10.65 -4.19
CA GLN A 136 -24.46 -10.93 -4.80
C GLN A 136 -25.42 -11.51 -3.77
N ALA A 137 -24.91 -12.37 -2.89
CA ALA A 137 -25.76 -12.97 -1.87
C ALA A 137 -26.25 -11.91 -0.87
N ALA A 138 -25.39 -10.97 -0.50
CA ALA A 138 -25.82 -9.91 0.40
C ALA A 138 -26.90 -9.05 -0.24
N HIS A 139 -26.79 -8.81 -1.54
CA HIS A 139 -27.79 -8.03 -2.26
C HIS A 139 -29.11 -8.78 -2.34
N ASP A 140 -29.05 -10.10 -2.58
CA ASP A 140 -30.25 -10.93 -2.62
C ASP A 140 -30.92 -11.06 -1.26
N ALA A 141 -30.14 -11.10 -0.17
CA ALA A 141 -30.73 -11.19 1.15
C ALA A 141 -31.38 -9.88 1.60
N ASN A 142 -30.97 -8.74 1.06
CA ASN A 142 -31.52 -7.43 1.43
C ASN A 142 -31.97 -6.73 0.17
N PRO A 143 -32.99 -7.24 -0.51
CA PRO A 143 -33.39 -6.63 -1.77
C PRO A 143 -33.90 -5.21 -1.53
N GLY A 144 -33.53 -4.32 -2.45
CA GLY A 144 -33.83 -2.91 -2.31
C GLY A 144 -32.79 -2.11 -1.57
N ALA A 145 -31.84 -2.80 -0.81
CA ALA A 145 -30.87 -2.08 0.00
C ALA A 145 -29.50 -2.07 -0.67
N PRO A 146 -28.72 -1.01 -0.47
CA PRO A 146 -27.33 -1.04 -0.93
C PRO A 146 -26.55 -2.10 -0.17
N VAL A 147 -25.44 -2.54 -0.75
CA VAL A 147 -24.51 -3.42 -0.05
C VAL A 147 -23.13 -2.80 -0.16
N ASP A 148 -22.28 -3.09 0.82
CA ASP A 148 -20.98 -2.44 0.92
C ASP A 148 -19.96 -3.27 0.16
N LEU A 149 -19.57 -2.80 -1.02
CA LEU A 149 -18.55 -3.49 -1.80
C LEU A 149 -17.23 -3.60 -1.04
N THR A 150 -16.94 -2.65 -0.13
CA THR A 150 -15.70 -2.76 0.65
C THR A 150 -15.75 -3.95 1.58
N ASP A 151 -16.91 -4.19 2.21
CA ASP A 151 -17.05 -5.29 3.16
C ASP A 151 -16.90 -6.63 2.46
N PHE A 152 -17.43 -6.79 1.25
CA PHE A 152 -17.43 -8.08 0.59
C PHE A 152 -16.30 -8.28 -0.41
N LEU A 153 -15.66 -7.22 -0.87
CA LEU A 153 -14.67 -7.34 -1.92
C LEU A 153 -13.39 -6.57 -1.59
N ALA A 154 -13.48 -5.24 -1.41
CA ALA A 154 -12.24 -4.44 -1.32
C ALA A 154 -11.40 -4.82 -0.10
N PHE A 155 -12.03 -4.99 1.05
CA PHE A 155 -11.24 -5.31 2.26
C PHE A 155 -10.78 -6.78 2.31
N PRO A 156 -11.65 -7.78 2.09
CA PRO A 156 -11.18 -9.17 2.25
C PRO A 156 -10.19 -9.61 1.18
N LEU A 157 -10.39 -9.22 -0.07
CA LEU A 157 -9.63 -9.88 -1.13
C LEU A 157 -8.12 -9.74 -0.93
N PRO A 158 -7.56 -8.56 -0.65
CA PRO A 158 -6.09 -8.49 -0.56
C PRO A 158 -5.53 -9.19 0.66
N VAL A 159 -6.29 -9.35 1.76
CA VAL A 159 -5.71 -10.08 2.88
C VAL A 159 -5.80 -11.57 2.63
N LEU A 160 -6.80 -12.02 1.88
CA LEU A 160 -6.79 -13.42 1.47
C LEU A 160 -5.66 -13.70 0.49
N VAL A 161 -5.33 -12.74 -0.38
CA VAL A 161 -4.13 -12.87 -1.22
C VAL A 161 -2.87 -12.95 -0.35
N ILE A 162 -2.80 -12.18 0.73
CA ILE A 162 -1.64 -12.29 1.62
C ILE A 162 -1.58 -13.68 2.26
N CYS A 163 -2.72 -14.25 2.62
CA CYS A 163 -2.73 -15.64 3.11
C CYS A 163 -2.08 -16.57 2.11
N GLU A 164 -2.46 -16.46 0.83
CA GLU A 164 -1.89 -17.33 -0.20
C GLU A 164 -0.42 -17.04 -0.43
N LEU A 165 -0.02 -15.76 -0.34
CA LEU A 165 1.37 -15.39 -0.53
C LEU A 165 2.25 -15.95 0.57
N LEU A 166 1.83 -15.79 1.83
CA LEU A 166 2.63 -16.26 2.97
C LEU A 166 2.58 -17.78 3.10
N GLY A 167 1.43 -18.39 2.82
CA GLY A 167 1.24 -19.81 3.01
C GLY A 167 0.41 -20.12 4.24
N VAL A 168 -0.57 -19.28 4.54
CA VAL A 168 -1.47 -19.53 5.70
C VAL A 168 -2.38 -20.71 5.38
N PRO A 169 -2.43 -21.75 6.22
CA PRO A 169 -3.31 -22.90 5.91
C PRO A 169 -4.75 -22.44 5.74
N TYR A 170 -5.46 -23.07 4.80
CA TYR A 170 -6.84 -22.68 4.47
C TYR A 170 -7.72 -22.60 5.71
N ALA A 171 -7.62 -23.59 6.61
CA ALA A 171 -8.50 -23.66 7.77
C ALA A 171 -8.26 -22.53 8.76
N ASP A 172 -7.13 -21.82 8.61
CA ASP A 172 -6.74 -20.78 9.53
C ASP A 172 -7.03 -19.38 9.00
N ARG A 173 -7.68 -19.24 7.86
CA ARG A 173 -7.85 -17.89 7.29
C ARG A 173 -8.57 -16.98 8.28
N GLU A 174 -9.65 -17.47 8.90
CA GLU A 174 -10.37 -16.62 9.86
C GLU A 174 -9.49 -16.28 11.07
N HIS A 175 -8.76 -17.26 11.60
CA HIS A 175 -7.85 -17.02 12.72
C HIS A 175 -6.82 -15.95 12.37
N PHE A 176 -6.19 -16.10 11.19
CA PHE A 176 -5.19 -15.15 10.72
C PHE A 176 -5.78 -13.76 10.57
N ARG A 177 -6.94 -13.67 9.91
CA ARG A 177 -7.54 -12.36 9.71
C ARG A 177 -7.92 -11.72 11.05
N GLY A 178 -8.31 -12.54 12.02
CA GLY A 178 -8.58 -12.01 13.35
C GLY A 178 -7.36 -11.41 13.99
N LEU A 179 -6.23 -12.12 13.93
CA LEU A 179 -4.98 -11.57 14.47
C LEU A 179 -4.57 -10.30 13.74
N SER A 180 -4.71 -10.30 12.42
CA SER A 180 -4.28 -9.12 11.67
C SER A 180 -5.16 -7.93 11.99
N GLU A 181 -6.46 -8.16 12.20
CA GLU A 181 -7.31 -7.03 12.51
C GLU A 181 -6.91 -6.38 13.82
N ARG A 182 -6.43 -7.19 14.77
CA ARG A 182 -6.05 -6.65 16.08
C ARG A 182 -4.72 -5.92 16.04
N ILE A 183 -3.77 -6.33 15.20
CA ILE A 183 -2.52 -5.57 15.07
C ILE A 183 -2.65 -4.41 14.10
N ALA A 184 -3.69 -4.39 13.28
CA ALA A 184 -3.81 -3.35 12.27
C ALA A 184 -4.18 -2.00 12.85
N ARG A 185 -4.67 -1.96 14.10
CA ARG A 185 -5.06 -0.70 14.70
C ARG A 185 -3.86 0.18 15.03
N MET A 186 -2.72 -0.44 15.32
CA MET A 186 -1.47 0.29 15.59
C MET A 186 -1.65 1.29 16.73
N ASP A 187 -2.57 1.02 17.65
CA ASP A 187 -2.95 1.99 18.67
C ASP A 187 -2.10 1.93 19.92
N GLY A 188 -1.13 1.02 19.99
CA GLY A 188 -0.26 0.89 21.14
C GLY A 188 -0.92 0.33 22.39
N GLY A 189 -2.21 -0.02 22.32
CA GLY A 189 -2.90 -0.56 23.47
C GLY A 189 -2.38 -1.92 23.89
N GLU A 190 -2.98 -2.44 24.96
CA GLU A 190 -2.55 -3.73 25.51
C GLU A 190 -3.03 -4.89 24.65
N ASP A 191 -4.25 -4.82 24.12
CA ASP A 191 -4.73 -5.84 23.19
C ASP A 191 -3.81 -5.94 21.97
N ALA A 192 -3.58 -4.82 21.28
CA ALA A 192 -2.77 -4.85 20.07
C ALA A 192 -1.37 -5.41 20.35
N GLN A 193 -0.82 -5.12 21.53
CA GLN A 193 0.52 -5.57 21.86
C GLN A 193 0.56 -7.09 22.11
N ALA A 194 -0.46 -7.61 22.78
CA ALA A 194 -0.57 -9.07 22.90
C ALA A 194 -0.97 -9.73 21.60
N ALA A 195 -1.64 -9.00 20.71
CA ALA A 195 -1.96 -9.58 19.40
C ALA A 195 -0.71 -9.71 18.55
N MET A 196 0.24 -8.77 18.67
CA MET A 196 1.46 -8.87 17.89
C MET A 196 2.26 -10.10 18.33
N ALA A 197 2.30 -10.36 19.63
CA ALA A 197 2.97 -11.55 20.15
C ALA A 197 2.29 -12.82 19.64
N GLU A 198 0.96 -12.85 19.65
CA GLU A 198 0.24 -14.01 19.14
C GLU A 198 0.44 -14.15 17.64
N PHE A 199 0.47 -13.03 16.93
CA PHE A 199 0.68 -13.08 15.48
C PHE A 199 2.07 -13.57 15.15
N LYS A 200 3.10 -13.02 15.81
CA LYS A 200 4.45 -13.49 15.50
C LYS A 200 4.63 -14.95 15.89
N ALA A 201 4.02 -15.34 17.01
CA ALA A 201 3.99 -16.74 17.39
C ALA A 201 3.35 -17.60 16.31
N TYR A 202 2.25 -17.13 15.75
CA TYR A 202 1.59 -17.89 14.70
C TYR A 202 2.50 -18.00 13.47
N MET A 203 3.23 -16.94 13.15
CA MET A 203 4.18 -17.01 12.03
C MET A 203 5.22 -18.11 12.29
N LEU A 204 5.63 -18.26 13.56
CA LEU A 204 6.67 -19.23 13.88
C LEU A 204 6.15 -20.67 13.89
N LYS A 205 4.89 -20.87 14.28
CA LYS A 205 4.26 -22.18 14.10
C LYS A 205 4.22 -22.54 12.63
N LEU A 206 3.83 -21.58 11.77
CA LEU A 206 3.80 -21.89 10.34
C LEU A 206 5.19 -22.17 9.79
N ALA A 207 6.22 -21.48 10.31
CA ALA A 207 7.58 -21.79 9.86
C ALA A 207 7.92 -23.26 10.11
N GLU A 208 7.56 -23.76 11.29
CA GLU A 208 7.78 -25.18 11.57
C GLU A 208 6.97 -26.07 10.63
N ALA A 209 5.73 -25.67 10.32
CA ALA A 209 4.93 -26.42 9.34
C ALA A 209 5.63 -26.47 7.98
N LYS A 210 6.21 -25.34 7.55
CA LYS A 210 6.94 -25.34 6.28
C LYS A 210 8.23 -26.15 6.35
N ARG A 211 8.90 -26.18 7.51
CA ARG A 211 10.07 -27.04 7.60
C ARG A 211 9.69 -28.51 7.41
N ALA A 212 8.49 -28.87 7.85
CA ALA A 212 8.01 -30.24 7.72
C ALA A 212 7.67 -30.55 6.26
N ASP A 213 6.99 -29.62 5.58
CA ASP A 213 6.49 -29.82 4.21
C ASP A 213 6.69 -28.52 3.44
N PRO A 214 7.87 -28.30 2.86
CA PRO A 214 8.10 -27.03 2.15
C PRO A 214 7.14 -26.81 0.99
N GLN A 215 6.73 -25.55 0.83
CA GLN A 215 5.76 -25.12 -0.16
C GLN A 215 6.30 -23.96 -0.99
N PRO A 216 5.68 -23.69 -2.14
CA PRO A 216 6.00 -22.48 -2.90
C PRO A 216 5.33 -21.25 -2.31
N ASP A 217 5.81 -20.82 -1.14
CA ASP A 217 5.27 -19.61 -0.50
C ASP A 217 6.36 -18.88 0.28
N VAL A 218 5.99 -17.71 0.81
CA VAL A 218 6.99 -16.84 1.43
C VAL A 218 7.57 -17.48 2.69
N ILE A 219 6.72 -18.02 3.56
CA ILE A 219 7.27 -18.57 4.81
C ILE A 219 8.22 -19.72 4.52
N SER A 220 7.91 -20.56 3.51
CA SER A 220 8.86 -21.62 3.16
C SER A 220 10.15 -21.03 2.63
N ASP A 221 10.06 -19.98 1.79
CA ASP A 221 11.27 -19.33 1.30
C ASP A 221 12.12 -18.85 2.46
N LEU A 222 11.49 -18.25 3.45
CA LEU A 222 12.23 -17.67 4.57
C LEU A 222 12.84 -18.73 5.48
N VAL A 223 12.18 -19.88 5.69
CA VAL A 223 12.88 -20.93 6.42
C VAL A 223 14.06 -21.48 5.61
N ALA A 224 13.96 -21.52 4.27
CA ALA A 224 15.11 -21.93 3.48
C ALA A 224 16.27 -20.94 3.63
N VAL A 225 15.95 -19.64 3.75
CA VAL A 225 16.99 -18.64 3.96
C VAL A 225 17.71 -18.91 5.29
N GLN A 226 16.94 -19.31 6.30
CA GLN A 226 17.52 -19.53 7.63
C GLN A 226 18.50 -20.68 7.63
N ALA A 227 18.19 -21.77 6.91
CA ALA A 227 19.04 -22.94 6.90
C ALA A 227 20.37 -22.66 6.23
N ASP A 228 20.46 -21.62 5.41
CA ASP A 228 21.71 -21.22 4.80
C ASP A 228 22.35 -20.01 5.48
N ASP A 229 21.62 -19.36 6.39
CA ASP A 229 22.09 -18.11 7.01
C ASP A 229 21.55 -18.07 8.42
N PRO A 230 22.30 -18.61 9.39
CA PRO A 230 21.82 -18.62 10.77
C PRO A 230 21.66 -17.23 11.39
N THR A 231 22.13 -16.16 10.74
CA THR A 231 21.92 -14.84 11.31
C THR A 231 20.49 -14.33 11.10
N PHE A 232 19.72 -14.99 10.26
CA PHE A 232 18.33 -14.62 9.99
C PHE A 232 17.48 -15.41 10.97
N THR A 233 17.07 -14.74 12.05
CA THR A 233 16.46 -15.42 13.18
C THR A 233 14.96 -15.58 12.99
N ASP A 234 14.34 -16.31 13.92
CA ASP A 234 12.89 -16.41 13.89
C ASP A 234 12.23 -15.05 14.07
N ASP A 235 12.85 -14.17 14.85
CA ASP A 235 12.23 -12.85 14.97
C ASP A 235 12.35 -12.08 13.66
N ASP A 236 13.50 -12.20 12.98
CA ASP A 236 13.63 -11.58 11.66
C ASP A 236 12.59 -12.15 10.70
N LEU A 237 12.38 -13.46 10.74
CA LEU A 237 11.41 -14.10 9.86
C LEU A 237 10.00 -13.61 10.15
N SER A 238 9.60 -13.61 11.42
CA SER A 238 8.23 -13.19 11.71
C SER A 238 8.04 -11.71 11.45
N ARG A 239 9.08 -10.90 11.64
CA ARG A 239 9.01 -9.47 11.31
C ARG A 239 8.82 -9.25 9.81
N MET A 240 9.54 -10.01 8.97
CA MET A 240 9.36 -9.86 7.54
C MET A 240 7.97 -10.28 7.10
N ALA A 241 7.46 -11.41 7.61
CA ALA A 241 6.12 -11.84 7.23
C ALA A 241 5.09 -10.83 7.68
N THR A 242 5.24 -10.30 8.89
CA THR A 242 4.32 -9.28 9.39
C THR A 242 4.35 -8.04 8.52
N GLY A 243 5.54 -7.69 8.02
CA GLY A 243 5.67 -6.49 7.22
C GLY A 243 5.02 -6.60 5.86
N LEU A 244 4.99 -7.81 5.29
CA LEU A 244 4.27 -7.98 4.03
C LEU A 244 2.78 -7.80 4.21
N LEU A 245 2.23 -8.26 5.35
CA LEU A 245 0.82 -8.02 5.60
C LEU A 245 0.52 -6.53 5.68
N PHE A 246 1.34 -5.79 6.42
CA PHE A 246 1.08 -4.35 6.54
C PHE A 246 1.23 -3.66 5.19
N ALA A 247 2.23 -4.07 4.41
CA ALA A 247 2.47 -3.38 3.13
C ALA A 247 1.44 -3.74 2.07
N GLY A 248 0.84 -4.91 2.14
CA GLY A 248 0.10 -5.45 1.02
C GLY A 248 -1.40 -5.55 1.17
N HIS A 249 -1.92 -5.32 2.37
CA HIS A 249 -3.36 -5.46 2.57
C HIS A 249 -4.09 -4.15 2.30
N GLU A 250 -4.05 -3.19 3.24
CA GLU A 250 -4.97 -2.05 3.12
C GLU A 250 -4.62 -1.13 1.99
N THR A 251 -3.34 -1.04 1.64
CA THR A 251 -2.94 -0.35 0.41
C THR A 251 -3.78 -0.82 -0.76
N THR A 252 -3.74 -2.12 -1.01
CA THR A 252 -4.47 -2.68 -2.13
C THR A 252 -5.97 -2.49 -1.97
N SER A 253 -6.48 -2.72 -0.76
CA SER A 253 -7.92 -2.58 -0.52
C SER A 253 -8.39 -1.17 -0.87
N THR A 254 -7.63 -0.15 -0.48
CA THR A 254 -8.09 1.20 -0.79
C THR A 254 -8.09 1.48 -2.29
N ARG A 255 -7.19 0.87 -3.06
CA ARG A 255 -7.25 1.07 -4.52
C ARG A 255 -8.42 0.32 -5.16
N ILE A 256 -8.80 -0.85 -4.63
CA ILE A 256 -10.03 -1.48 -5.12
C ILE A 256 -11.23 -0.57 -4.83
N ALA A 257 -11.33 -0.08 -3.59
CA ALA A 257 -12.47 0.75 -3.20
C ALA A 257 -12.48 2.06 -3.97
N MET A 258 -11.34 2.75 -4.01
CA MET A 258 -11.33 4.08 -4.58
C MET A 258 -11.41 3.99 -6.10
N GLY A 259 -10.82 2.94 -6.68
CA GLY A 259 -11.00 2.72 -8.12
C GLY A 259 -12.44 2.44 -8.50
N THR A 260 -13.15 1.67 -7.67
CA THR A 260 -14.58 1.50 -7.91
C THR A 260 -15.31 2.84 -7.81
N LEU A 261 -14.94 3.65 -6.82
CA LEU A 261 -15.58 4.95 -6.67
C LEU A 261 -15.30 5.85 -7.86
N PHE A 262 -14.07 5.85 -8.37
CA PHE A 262 -13.78 6.63 -9.56
C PHE A 262 -14.68 6.21 -10.71
N LEU A 263 -14.74 4.91 -10.99
CA LEU A 263 -15.50 4.44 -12.15
C LEU A 263 -16.98 4.71 -11.99
N LEU A 264 -17.51 4.66 -10.77
CA LEU A 264 -18.95 4.77 -10.57
C LEU A 264 -19.42 6.20 -10.40
N SER A 265 -18.51 7.12 -10.11
CA SER A 265 -18.96 8.47 -9.80
C SER A 265 -19.22 9.29 -11.05
N ASP A 266 -18.83 8.78 -12.22
CA ASP A 266 -19.19 9.37 -13.51
C ASP A 266 -19.66 8.23 -14.41
N THR A 267 -20.94 8.26 -14.81
CA THR A 267 -21.52 7.19 -15.62
C THR A 267 -20.75 6.98 -16.93
N ALA A 268 -20.27 8.05 -17.55
CA ALA A 268 -19.56 7.90 -18.80
C ALA A 268 -18.29 7.07 -18.62
N ARG A 269 -17.60 7.25 -17.50
CA ARG A 269 -16.42 6.46 -17.19
C ARG A 269 -16.77 4.99 -17.04
N ARG A 270 -17.81 4.71 -16.23
CA ARG A 270 -18.24 3.35 -16.04
C ARG A 270 -18.54 2.69 -17.38
N ASP A 271 -19.26 3.40 -18.25
CA ASP A 271 -19.75 2.76 -19.47
C ASP A 271 -18.62 2.50 -20.45
N ARG A 272 -17.68 3.44 -20.54
CA ARG A 272 -16.45 3.23 -21.31
C ARG A 272 -15.72 1.98 -20.84
N PHE A 273 -15.48 1.85 -19.54
CA PHE A 273 -14.83 0.65 -19.05
C PHE A 273 -15.67 -0.59 -19.33
N ALA A 274 -16.97 -0.54 -19.04
CA ALA A 274 -17.81 -1.73 -19.20
C ALA A 274 -17.90 -2.18 -20.66
N ALA A 275 -17.74 -1.25 -21.59
CA ALA A 275 -17.88 -1.60 -23.00
C ALA A 275 -16.70 -2.42 -23.51
N ASP A 276 -15.55 -2.35 -22.84
CA ASP A 276 -14.36 -3.09 -23.30
C ASP A 276 -13.43 -3.27 -22.11
N PRO A 277 -13.82 -4.08 -21.12
CA PRO A 277 -13.00 -4.18 -19.91
C PRO A 277 -11.61 -4.73 -20.18
N ASP A 278 -11.49 -5.71 -21.06
CA ASP A 278 -10.16 -6.28 -21.31
C ASP A 278 -9.26 -5.28 -22.01
N GLY A 279 -9.82 -4.48 -22.91
CA GLY A 279 -9.01 -3.46 -23.56
C GLY A 279 -8.70 -2.29 -22.66
N GLU A 280 -9.62 -1.94 -21.76
CA GLU A 280 -9.47 -0.72 -20.98
C GLU A 280 -8.71 -0.94 -19.67
N VAL A 281 -8.55 -2.18 -19.22
CA VAL A 281 -8.19 -2.38 -17.82
C VAL A 281 -6.76 -1.92 -17.52
N ASN A 282 -5.78 -2.21 -18.40
CA ASN A 282 -4.42 -1.80 -18.04
C ASN A 282 -4.32 -0.31 -17.81
N GLN A 283 -4.82 0.51 -18.75
CA GLN A 283 -4.66 1.94 -18.58
C GLN A 283 -5.56 2.47 -17.48
N THR A 284 -6.72 1.84 -17.27
CA THR A 284 -7.63 2.24 -16.20
C THR A 284 -6.97 2.00 -14.85
N VAL A 285 -6.32 0.85 -14.68
CA VAL A 285 -5.63 0.56 -13.43
C VAL A 285 -4.51 1.57 -13.19
N GLU A 286 -3.76 1.95 -14.23
CA GLU A 286 -2.68 2.90 -14.00
C GLU A 286 -3.21 4.27 -13.57
N GLU A 287 -4.37 4.68 -14.11
CA GLU A 287 -4.94 5.96 -13.71
C GLU A 287 -5.56 5.90 -12.31
N ILE A 288 -6.10 4.75 -11.91
CA ILE A 288 -6.53 4.57 -10.53
C ILE A 288 -5.34 4.70 -9.59
N LEU A 289 -4.21 4.10 -9.96
CA LEU A 289 -3.02 4.14 -9.13
C LEU A 289 -2.50 5.57 -9.05
N ARG A 290 -2.59 6.32 -10.15
CA ARG A 290 -2.08 7.68 -10.14
C ARG A 290 -2.90 8.56 -9.21
N LEU A 291 -4.22 8.41 -9.24
CA LEU A 291 -5.10 9.37 -8.60
C LEU A 291 -5.50 9.00 -7.16
N THR A 292 -5.41 7.74 -6.77
CA THR A 292 -5.87 7.38 -5.43
C THR A 292 -4.91 7.96 -4.41
N ALA A 293 -5.42 8.71 -3.43
CA ALA A 293 -4.56 9.41 -2.47
C ALA A 293 -5.11 9.15 -1.08
N THR A 294 -4.44 8.32 -0.28
CA THR A 294 -4.96 8.04 1.05
C THR A 294 -3.93 8.28 2.15
N SER A 295 -2.77 8.84 1.81
CA SER A 295 -1.69 8.98 2.77
C SER A 295 -1.95 10.10 3.76
N GLY A 296 -1.62 9.85 5.04
CA GLY A 296 -1.58 10.94 6.00
C GLY A 296 -0.25 11.63 6.04
N THR A 297 0.79 10.97 5.52
CA THR A 297 2.14 11.51 5.64
C THR A 297 2.89 11.43 4.31
N GLY A 298 3.55 10.32 4.04
CA GLY A 298 4.30 10.15 2.81
C GLY A 298 5.28 9.02 3.04
N LEU A 299 6.15 8.78 2.05
CA LEU A 299 7.18 7.76 2.21
C LEU A 299 8.38 8.36 2.92
N LEU A 300 8.85 7.68 3.95
CA LEU A 300 9.80 8.28 4.91
C LEU A 300 11.23 8.00 4.51
N ARG A 301 12.07 9.05 4.54
CA ARG A 301 13.52 8.94 4.43
C ARG A 301 14.15 9.85 5.47
N TYR A 302 15.42 9.60 5.80
CA TYR A 302 16.27 10.56 6.53
C TYR A 302 17.49 10.87 5.68
N ALA A 303 17.89 12.15 5.66
CA ALA A 303 19.12 12.52 4.96
C ALA A 303 20.33 11.95 5.70
N HIS A 304 21.23 11.30 4.94
CA HIS A 304 22.44 10.77 5.55
C HIS A 304 23.61 11.74 5.45
N GLU A 305 23.43 12.85 4.75
CA GLU A 305 24.35 13.97 4.76
C GLU A 305 23.54 15.18 4.34
N ASP A 306 24.16 16.35 4.42
CA ASP A 306 23.50 17.55 3.92
C ASP A 306 23.28 17.46 2.42
N VAL A 307 22.06 17.73 1.98
CA VAL A 307 21.70 17.62 0.57
C VAL A 307 20.92 18.86 0.16
N GLU A 308 21.42 19.59 -0.82
CA GLU A 308 20.67 20.73 -1.33
C GLU A 308 19.85 20.27 -2.52
N ILE A 309 18.55 20.54 -2.47
CA ILE A 309 17.65 20.08 -3.52
C ILE A 309 16.55 21.11 -3.74
N ALA A 310 16.43 21.56 -4.98
CA ALA A 310 15.43 22.55 -5.40
C ALA A 310 15.44 23.77 -4.48
N GLY A 311 16.64 24.18 -4.08
CA GLY A 311 16.79 25.37 -3.29
C GLY A 311 16.56 25.19 -1.81
N THR A 312 16.42 23.95 -1.35
CA THR A 312 16.20 23.64 0.05
C THR A 312 17.41 22.90 0.59
N ARG A 313 17.94 23.39 1.71
CA ARG A 313 19.08 22.74 2.37
C ARG A 313 18.50 21.72 3.35
N ILE A 314 18.54 20.45 2.97
CA ILE A 314 18.13 19.38 3.85
C ILE A 314 19.38 18.93 4.59
N ARG A 315 19.38 19.11 5.90
CA ARG A 315 20.56 18.77 6.67
C ARG A 315 20.57 17.31 7.09
N ARG A 316 21.79 16.79 7.28
CA ARG A 316 22.01 15.45 7.78
C ARG A 316 21.13 15.16 8.99
N GLY A 317 20.39 14.05 8.93
CA GLY A 317 19.49 13.68 10.01
C GLY A 317 18.05 14.15 9.83
N ASP A 318 17.79 15.07 8.93
CA ASP A 318 16.43 15.57 8.75
C ASP A 318 15.53 14.46 8.21
N ALA A 319 14.27 14.45 8.69
CA ALA A 319 13.21 13.63 8.13
C ALA A 319 12.67 14.26 6.84
N VAL A 320 12.40 13.40 5.84
CA VAL A 320 11.85 13.81 4.55
C VAL A 320 10.67 12.89 4.30
N LEU A 321 9.50 13.47 4.03
CA LEU A 321 8.32 12.69 3.69
C LEU A 321 8.07 12.91 2.21
N VAL A 322 8.19 11.86 1.40
CA VAL A 322 7.90 12.01 -0.03
C VAL A 322 6.42 11.79 -0.25
N SER A 323 5.69 12.81 -0.74
CA SER A 323 4.25 12.63 -0.95
C SER A 323 4.05 12.12 -2.37
N SER A 324 4.00 10.79 -2.53
CA SER A 324 3.63 10.28 -3.85
C SER A 324 2.23 10.74 -4.25
N ASP A 325 1.33 10.90 -3.27
CA ASP A 325 -0.02 11.38 -3.58
C ASP A 325 0.06 12.72 -4.32
N ALA A 326 0.83 13.65 -3.75
CA ALA A 326 0.97 14.98 -4.32
C ALA A 326 1.79 14.97 -5.60
N ALA A 327 2.89 14.20 -5.63
CA ALA A 327 3.72 14.10 -6.83
C ALA A 327 2.88 13.68 -8.03
N ASN A 328 1.95 12.75 -7.82
CA ASN A 328 1.11 12.23 -8.89
C ASN A 328 0.08 13.24 -9.38
N ARG A 329 -0.02 14.42 -8.76
CA ARG A 329 -0.93 15.45 -9.25
C ARG A 329 -0.17 16.73 -9.63
N ASP A 330 1.14 16.65 -9.84
CA ASP A 330 1.96 17.77 -10.29
C ASP A 330 1.54 18.17 -11.71
N ALA A 331 0.97 19.37 -11.86
CA ALA A 331 0.40 19.78 -13.14
C ALA A 331 1.46 20.00 -14.20
N SER A 332 2.72 20.20 -13.80
CA SER A 332 3.82 20.30 -14.75
C SER A 332 4.13 18.97 -15.41
N VAL A 333 3.60 17.87 -14.89
CA VAL A 333 3.82 16.54 -15.44
C VAL A 333 2.53 15.91 -15.93
N PHE A 334 1.43 16.10 -15.20
CA PHE A 334 0.12 15.55 -15.57
C PHE A 334 -0.84 16.73 -15.83
N ALA A 335 -1.08 17.05 -17.09
CA ALA A 335 -2.03 18.13 -17.37
C ALA A 335 -3.40 17.76 -16.82
N ASP A 336 -4.10 18.77 -16.25
CA ASP A 336 -5.42 18.56 -15.68
C ASP A 336 -5.34 17.48 -14.61
N PRO A 337 -4.43 17.64 -13.64
CA PRO A 337 -4.00 16.47 -12.84
C PRO A 337 -5.10 15.87 -12.00
N ASP A 338 -6.16 16.61 -11.67
CA ASP A 338 -7.25 16.03 -10.88
C ASP A 338 -8.28 15.32 -11.72
N GLU A 339 -8.16 15.33 -13.04
CA GLU A 339 -9.10 14.61 -13.91
C GLU A 339 -8.70 13.14 -14.06
N PHE A 340 -9.71 12.28 -13.96
CA PHE A 340 -9.58 10.85 -14.18
C PHE A 340 -9.63 10.60 -15.68
N ASP A 341 -8.48 10.26 -16.27
CA ASP A 341 -8.38 10.07 -17.72
C ASP A 341 -7.55 8.84 -18.00
N PRO A 342 -8.19 7.66 -18.07
CA PRO A 342 -7.43 6.44 -18.38
C PRO A 342 -6.65 6.52 -19.68
N GLY A 343 -7.00 7.41 -20.61
CA GLY A 343 -6.19 7.49 -21.81
C GLY A 343 -4.93 8.32 -21.74
N ARG A 344 -4.52 8.84 -20.58
CA ARG A 344 -3.30 9.62 -20.45
C ARG A 344 -2.10 8.90 -21.05
N THR A 345 -1.51 9.45 -22.13
CA THR A 345 -0.68 8.59 -22.99
C THR A 345 0.63 8.21 -22.33
N PRO A 346 1.48 9.14 -21.88
CA PRO A 346 2.50 8.72 -20.91
C PRO A 346 1.85 8.78 -19.53
N ASN A 347 1.79 7.65 -18.83
CA ASN A 347 1.16 7.72 -17.52
C ASN A 347 2.04 6.99 -16.51
N VAL A 348 3.33 7.34 -16.53
CA VAL A 348 4.24 6.90 -15.47
C VAL A 348 3.92 7.74 -14.25
N HIS A 349 3.89 7.09 -13.10
CA HIS A 349 3.48 7.71 -11.85
C HIS A 349 4.34 7.13 -10.76
N LEU A 350 4.19 7.68 -9.56
CA LEU A 350 4.99 7.29 -8.40
C LEU A 350 4.14 6.61 -7.33
N ALA A 351 3.01 5.98 -7.72
CA ALA A 351 2.18 5.30 -6.72
C ALA A 351 2.92 4.17 -6.02
N PHE A 352 3.89 3.55 -6.69
CA PHE A 352 4.69 2.48 -6.14
C PHE A 352 6.09 2.95 -5.80
N GLY A 353 6.32 4.26 -5.79
CA GLY A 353 7.68 4.70 -5.65
C GLY A 353 8.51 4.42 -6.90
N THR A 354 9.83 4.49 -6.71
CA THR A 354 10.79 4.20 -7.77
C THR A 354 12.16 4.08 -7.10
N GLY A 355 13.20 3.80 -7.91
CA GLY A 355 14.46 3.59 -7.25
C GLY A 355 14.53 2.25 -6.52
N ALA A 356 15.44 2.20 -5.54
CA ALA A 356 15.79 0.92 -4.92
C ALA A 356 14.65 0.36 -4.08
N HIS A 357 13.76 1.20 -3.54
CA HIS A 357 12.64 0.76 -2.72
C HIS A 357 11.32 0.66 -3.49
N VAL A 358 11.35 0.62 -4.82
CA VAL A 358 10.11 0.50 -5.58
C VAL A 358 9.34 -0.70 -5.06
N CYS A 359 8.02 -0.55 -4.93
CA CYS A 359 7.18 -1.56 -4.31
C CYS A 359 7.50 -2.95 -4.82
N ILE A 360 8.02 -3.85 -3.97
CA ILE A 360 8.30 -5.19 -4.47
C ILE A 360 7.01 -5.94 -4.83
N GLY A 361 5.87 -5.54 -4.28
CA GLY A 361 4.57 -6.12 -4.63
C GLY A 361 3.81 -5.44 -5.75
N ALA A 362 4.46 -4.57 -6.55
CA ALA A 362 3.71 -3.79 -7.54
C ALA A 362 3.01 -4.69 -8.54
N ASN A 363 3.70 -5.73 -9.03
CA ASN A 363 3.09 -6.63 -9.99
C ASN A 363 1.95 -7.40 -9.37
N LEU A 364 2.11 -7.82 -8.11
CA LEU A 364 1.01 -8.47 -7.38
C LEU A 364 -0.19 -7.55 -7.25
N ALA A 365 0.04 -6.30 -6.82
CA ALA A 365 -1.03 -5.30 -6.72
C ALA A 365 -1.70 -5.07 -8.06
N ARG A 366 -0.91 -4.92 -9.13
CA ARG A 366 -1.51 -4.72 -10.45
C ARG A 366 -2.33 -5.93 -10.85
N THR A 367 -1.84 -7.12 -10.53
CA THR A 367 -2.60 -8.34 -10.86
C THR A 367 -3.93 -8.35 -10.12
N GLU A 368 -3.93 -7.94 -8.84
CA GLU A 368 -5.19 -7.88 -8.10
C GLU A 368 -6.17 -6.89 -8.74
N LEU A 369 -5.70 -5.67 -9.01
CA LEU A 369 -6.56 -4.65 -9.58
C LEU A 369 -7.02 -5.04 -10.98
N ARG A 370 -6.09 -5.53 -11.82
CA ARG A 370 -6.45 -5.88 -13.19
C ARG A 370 -7.41 -7.07 -13.25
N THR A 371 -7.36 -7.95 -12.25
CA THR A 371 -8.29 -9.07 -12.21
C THR A 371 -9.67 -8.62 -11.71
N VAL A 372 -9.72 -7.76 -10.70
CA VAL A 372 -11.00 -7.43 -10.05
C VAL A 372 -11.90 -6.63 -10.99
N PHE A 373 -11.36 -5.59 -11.64
CA PHE A 373 -12.32 -4.66 -12.23
C PHE A 373 -13.06 -5.25 -13.44
N PRO A 374 -12.41 -6.01 -14.32
CA PRO A 374 -13.18 -6.66 -15.39
C PRO A 374 -14.21 -7.64 -14.85
N LYS A 375 -13.85 -8.42 -13.83
CA LYS A 375 -14.82 -9.36 -13.26
C LYS A 375 -16.00 -8.62 -12.63
N LEU A 376 -15.71 -7.55 -11.90
CA LEU A 376 -16.77 -6.78 -11.25
C LEU A 376 -17.78 -6.25 -12.26
N PHE A 377 -17.31 -5.61 -13.33
CA PHE A 377 -18.25 -4.94 -14.22
C PHE A 377 -18.89 -5.90 -15.22
N ARG A 378 -18.26 -7.06 -15.48
CA ARG A 378 -18.96 -8.10 -16.22
C ARG A 378 -20.07 -8.73 -15.40
N ARG A 379 -19.82 -8.97 -14.13
CA ARG A 379 -20.82 -9.63 -13.29
C ARG A 379 -22.00 -8.72 -12.99
N PHE A 380 -21.76 -7.43 -12.80
CA PHE A 380 -22.80 -6.51 -12.36
C PHE A 380 -22.90 -5.37 -13.36
N PRO A 381 -23.53 -5.62 -14.50
CA PRO A 381 -23.64 -4.55 -15.51
C PRO A 381 -24.37 -3.32 -14.98
N GLY A 382 -25.37 -3.51 -14.13
CA GLY A 382 -26.03 -2.29 -13.69
C GLY A 382 -25.31 -1.47 -12.65
N LEU A 383 -24.04 -1.77 -12.33
CA LEU A 383 -23.50 -1.36 -11.04
C LEU A 383 -23.52 0.16 -10.85
N ARG A 384 -24.00 0.59 -9.68
CA ARG A 384 -24.02 2.03 -9.42
C ARG A 384 -23.84 2.31 -7.93
N LEU A 385 -23.35 3.52 -7.65
CA LEU A 385 -23.28 4.02 -6.29
C LEU A 385 -24.69 4.19 -5.72
N ALA A 386 -24.86 3.85 -4.45
CA ALA A 386 -26.11 4.17 -3.74
C ALA A 386 -26.01 5.58 -3.16
N VAL A 394 -12.55 12.92 6.41
CA VAL A 394 -12.19 14.28 6.07
C VAL A 394 -10.63 14.37 6.16
N ARG A 395 -9.97 13.49 6.91
CA ARG A 395 -8.47 13.41 6.88
C ARG A 395 -8.03 11.93 6.87
N VAL A 396 -6.91 11.60 6.21
CA VAL A 396 -6.36 10.27 6.13
C VAL A 396 -5.59 9.94 7.41
N ASN A 397 -5.83 8.77 7.95
CA ASN A 397 -5.27 8.30 9.22
C ASN A 397 -4.04 7.44 8.88
N ARG A 398 -2.98 7.50 9.68
CA ARG A 398 -1.83 6.64 9.36
C ARG A 398 -2.18 5.17 9.45
N VAL A 399 -3.02 4.81 10.42
CA VAL A 399 -3.35 3.37 10.67
C VAL A 399 -3.94 2.80 9.38
N GLY A 401 -5.55 4.08 7.94
CA GLY A 401 -6.85 4.73 8.08
C GLY A 401 -7.94 3.93 7.43
N GLY A 402 -7.80 2.61 7.43
CA GLY A 402 -8.96 1.80 7.06
C GLY A 402 -9.36 2.08 5.62
N VAL A 403 -10.46 1.49 5.22
CA VAL A 403 -10.91 1.60 3.82
C VAL A 403 -12.35 2.13 3.86
N ASP A 404 -12.61 3.10 3.02
CA ASP A 404 -13.94 3.68 2.98
C ASP A 404 -14.97 2.68 2.49
N ALA A 405 -16.20 2.79 3.02
CA ALA A 405 -17.31 2.01 2.51
C ALA A 405 -17.65 2.46 1.10
N VAL A 406 -18.09 1.51 0.29
CA VAL A 406 -18.50 1.81 -1.08
C VAL A 406 -19.86 1.16 -1.26
N PRO A 407 -20.94 1.86 -0.90
CA PRO A 407 -22.28 1.24 -0.99
C PRO A 407 -22.75 1.24 -2.44
N VAL A 408 -23.14 0.06 -2.92
CA VAL A 408 -23.51 -0.09 -4.31
C VAL A 408 -24.83 -0.86 -4.43
N THR A 409 -25.41 -0.73 -5.60
CA THR A 409 -26.54 -1.54 -6.01
C THR A 409 -26.50 -1.71 -7.52
N TRP A 410 -27.44 -2.51 -8.01
CA TRP A 410 -27.57 -2.73 -9.44
C TRP A 410 -28.99 -3.22 -9.66
CHA HEM B . 7.01 -0.53 -1.00
CHB HEM B . 4.92 -4.88 -0.42
CHC HEM B . 0.96 -3.15 -2.71
CHD HEM B . 2.81 1.32 -2.58
C1A HEM B . 6.77 -1.83 -0.62
C2A HEM B . 7.72 -2.70 0.06
C3A HEM B . 7.13 -3.90 0.21
C4A HEM B . 5.81 -3.84 -0.35
CMA HEM B . 7.72 -5.17 0.89
CAA HEM B . 9.13 -2.26 0.50
CBA HEM B . 10.06 -2.35 -0.69
CGA HEM B . 11.43 -1.81 -0.37
O1A HEM B . 12.39 -2.31 -1.00
O2A HEM B . 11.58 -1.00 0.59
C1B HEM B . 3.69 -4.80 -1.05
C2B HEM B . 2.78 -5.90 -1.23
C3B HEM B . 1.72 -5.41 -1.88
C4B HEM B . 1.88 -4.01 -2.10
CMB HEM B . 2.99 -7.37 -0.77
CAB HEM B . 0.48 -6.20 -2.25
CBB HEM B . -0.06 -6.17 -3.45
C1C HEM B . 1.08 -1.78 -2.79
C2C HEM B . 0.06 -0.87 -3.27
C3C HEM B . 0.59 0.38 -3.27
C4C HEM B . 1.94 0.27 -2.75
CMC HEM B . -1.33 -1.34 -3.74
CAC HEM B . 0.01 1.76 -3.64
CBC HEM B . -0.53 2.03 -4.83
C1D HEM B . 4.12 1.21 -2.19
C2D HEM B . 5.08 2.27 -2.12
C3D HEM B . 6.25 1.75 -1.67
C4D HEM B . 6.07 0.33 -1.50
CMD HEM B . 4.77 3.74 -2.43
CAD HEM B . 7.56 2.51 -1.48
CBD HEM B . 7.79 2.87 -0.04
CGD HEM B . 9.07 3.64 0.11
O1D HEM B . 9.66 4.15 -0.89
O2D HEM B . 9.47 3.76 1.30
NA HEM B . 5.64 -2.56 -0.83
NB HEM B . 3.09 -3.68 -1.59
NC HEM B . 2.19 -1.06 -2.46
ND HEM B . 4.75 0.05 -1.78
FE HEM B . 3.96 -1.82 -1.75
#